data_1U1Q
#
_entry.id   1U1Q
#
_cell.length_a   50.502
_cell.length_b   50.502
_cell.length_c   172.250
_cell.angle_alpha   90.00
_cell.angle_beta   90.00
_cell.angle_gamma   90.00
#
_symmetry.space_group_name_H-M   'P 43 21 2'
#
loop_
_entity.id
_entity.type
_entity.pdbx_description
1 polymer "5'-D(*TP*AP*GP*GP*GP*TP*TP*AP*(OIP)*GP*G)-3'"
2 polymer 'Heterogeneous nuclear ribonucleoprotein A1'
3 water water
#
loop_
_entity_poly.entity_id
_entity_poly.type
_entity_poly.pdbx_seq_one_letter_code
_entity_poly.pdbx_strand_id
1 'polydeoxyribonucleotide' (DT)(DA)(DG)(DG)(DG)(DT)(DT)(DA)(DI)(DG)(DG) B
2 'polypeptide(L)'
;MSKSESPKEPEQLRKLFIGGLSFETTDESLRSHFEQWGTLTDCVVMRDPNTKRSRGFGFVTYATVEEVDAAMNARPHKVD
GRVVEPKRAVSREDSQRPGAHLTVKKIFVGGIKEDTEEHHLRDYFEQYGKIEVIEIMTDRGSGKKRGFAFVTFDDHDSVD
KIVIQKYHTVNGHNCEVRKALSKQEMASASSSQRGR
;
A
#
# COMPACT_ATOMS: atom_id res chain seq x y z
N LYS B 8 -12.13 -15.87 8.12
CA LYS B 8 -12.54 -14.48 7.70
C LYS B 8 -11.58 -14.03 6.61
N GLU B 9 -11.20 -12.75 6.68
CA GLU B 9 -10.21 -12.21 5.73
C GLU B 9 -8.83 -12.69 6.08
N PRO B 10 -7.93 -12.76 5.11
CA PRO B 10 -6.55 -13.24 5.36
C PRO B 10 -5.80 -12.33 6.35
N GLU B 11 -5.00 -12.94 7.22
CA GLU B 11 -4.21 -12.16 8.21
C GLU B 11 -3.40 -11.10 7.47
N GLN B 12 -2.84 -11.44 6.31
CA GLN B 12 -2.03 -10.40 5.68
C GLN B 12 -2.76 -9.10 5.40
N LEU B 13 -4.02 -9.14 4.98
CA LEU B 13 -4.84 -7.99 4.63
C LEU B 13 -5.51 -7.33 5.86
N ARG B 14 -5.34 -7.97 7.03
CA ARG B 14 -5.83 -7.39 8.30
C ARG B 14 -4.75 -6.70 9.11
N LYS B 15 -3.57 -6.59 8.56
CA LYS B 15 -2.41 -6.12 9.32
C LYS B 15 -1.81 -4.87 8.78
N LEU B 16 -1.33 -4.04 9.68
CA LEU B 16 -0.62 -2.80 9.26
C LEU B 16 0.76 -2.79 9.81
N PHE B 17 1.73 -2.34 9.05
CA PHE B 17 3.07 -2.12 9.54
C PHE B 17 3.00 -0.74 10.19
N ILE B 18 3.61 -0.55 11.40
CA ILE B 18 3.59 0.80 11.99
C ILE B 18 5.02 1.21 12.10
N GLY B 19 5.44 2.19 11.28
CA GLY B 19 6.86 2.55 11.29
C GLY B 19 7.10 3.82 12.11
N GLY B 20 8.36 4.08 12.42
CA GLY B 20 8.73 5.28 13.18
C GLY B 20 8.20 5.36 14.59
N LEU B 21 8.16 4.23 15.25
CA LEU B 21 7.70 4.20 16.65
C LEU B 21 8.79 4.88 17.56
N SER B 22 8.29 5.55 18.55
CA SER B 22 9.16 6.06 19.60
C SER B 22 9.86 4.85 20.21
N PHE B 23 11.07 5.11 20.69
CA PHE B 23 11.92 4.14 21.38
C PHE B 23 11.18 3.53 22.56
N GLU B 24 10.20 4.25 23.08
CA GLU B 24 9.43 3.79 24.21
C GLU B 24 8.06 3.17 23.98
N THR B 25 7.77 2.81 22.75
CA THR B 25 6.48 2.24 22.55
C THR B 25 6.68 0.72 22.78
N THR B 26 5.67 0.12 23.35
CA THR B 26 5.74 -1.32 23.66
C THR B 26 4.48 -1.97 23.12
N ASP B 27 4.46 -3.30 23.11
CA ASP B 27 3.25 -3.97 22.64
C ASP B 27 2.04 -3.36 23.32
N GLU B 28 2.12 -3.11 24.62
CA GLU B 28 0.95 -2.55 25.27
C GLU B 28 0.54 -1.11 24.91
N SER B 29 1.49 -0.20 24.78
CA SER B 29 1.12 1.19 24.47
C SER B 29 0.62 1.24 23.01
N LEU B 30 1.22 0.40 22.22
CA LEU B 30 0.79 0.32 20.79
C LEU B 30 -0.66 -0.13 20.73
N ARG B 31 -1.05 -1.22 21.46
CA ARG B 31 -2.40 -1.75 21.49
C ARG B 31 -3.41 -0.71 22.04
N SER B 32 -3.02 -0.06 23.11
CA SER B 32 -3.82 0.95 23.73
C SER B 32 -4.24 1.98 22.69
N HIS B 33 -3.32 2.35 21.80
CA HIS B 33 -3.66 3.34 20.80
C HIS B 33 -4.57 2.74 19.70
N PHE B 34 -4.11 1.64 19.12
CA PHE B 34 -4.83 1.13 17.96
C PHE B 34 -6.13 0.41 18.18
N GLU B 35 -6.30 -0.08 19.39
CA GLU B 35 -7.57 -0.73 19.74
C GLU B 35 -8.72 0.24 19.64
N GLN B 36 -8.42 1.54 19.49
CA GLN B 36 -9.50 2.50 19.37
C GLN B 36 -10.28 2.33 18.10
N TRP B 37 -9.68 1.67 17.08
CA TRP B 37 -10.34 1.51 15.78
C TRP B 37 -10.86 0.13 15.53
N GLY B 38 -10.66 -0.77 16.50
CA GLY B 38 -11.24 -2.08 16.36
C GLY B 38 -10.57 -3.08 17.25
N THR B 39 -10.96 -4.33 17.11
CA THR B 39 -10.42 -5.46 17.83
C THR B 39 -9.09 -5.88 17.24
N LEU B 40 -8.06 -5.90 18.07
CA LEU B 40 -6.73 -6.30 17.65
C LEU B 40 -6.51 -7.81 17.86
N THR B 41 -6.13 -8.52 16.80
CA THR B 41 -5.87 -9.92 16.95
C THR B 41 -4.36 -10.12 17.13
N ASP B 42 -3.56 -9.08 16.95
CA ASP B 42 -2.15 -9.18 17.09
C ASP B 42 -1.65 -7.70 17.25
N CYS B 43 -0.56 -7.53 17.98
CA CYS B 43 -0.04 -6.19 18.19
C CYS B 43 1.31 -6.43 18.81
N VAL B 44 2.38 -6.02 18.10
CA VAL B 44 3.73 -6.30 18.50
C VAL B 44 4.76 -5.24 18.03
N VAL B 45 5.72 -4.95 18.90
CA VAL B 45 6.83 -4.09 18.57
C VAL B 45 8.01 -5.00 18.32
N MET B 46 8.65 -4.80 17.20
CA MET B 46 9.77 -5.69 16.88
C MET B 46 11.03 -5.28 17.60
N ARG B 47 11.76 -6.26 18.10
CA ARG B 47 12.97 -6.01 18.89
C ARG B 47 14.16 -6.80 18.42
N ASP B 48 15.34 -6.22 18.59
CA ASP B 48 16.55 -6.94 18.27
C ASP B 48 16.52 -8.11 19.24
N PRO B 49 16.62 -9.36 18.73
CA PRO B 49 16.60 -10.61 19.51
C PRO B 49 17.64 -10.61 20.63
N ASN B 50 18.81 -10.13 20.27
CA ASN B 50 20.00 -10.07 21.10
C ASN B 50 19.94 -9.08 22.27
N THR B 51 19.85 -7.79 21.93
CA THR B 51 19.82 -6.70 22.90
C THR B 51 18.42 -6.34 23.38
N LYS B 52 17.41 -7.07 22.91
CA LYS B 52 15.99 -6.82 23.25
C LYS B 52 15.50 -5.35 23.07
N ARG B 53 16.29 -4.54 22.38
CA ARG B 53 15.89 -3.16 22.14
C ARG B 53 14.86 -3.07 20.99
N SER B 54 14.05 -2.03 21.04
CA SER B 54 13.04 -1.82 20.02
C SER B 54 13.73 -1.53 18.72
N ARG B 55 13.17 -2.07 17.62
CA ARG B 55 13.65 -1.79 16.29
C ARG B 55 12.90 -0.55 15.70
N GLY B 56 12.05 0.08 16.50
CA GLY B 56 11.41 1.30 15.95
C GLY B 56 10.23 1.01 14.99
N PHE B 57 9.71 -0.24 15.01
CA PHE B 57 8.54 -0.53 14.15
C PHE B 57 7.79 -1.69 14.70
N GLY B 58 6.54 -1.87 14.27
CA GLY B 58 5.77 -3.00 14.79
C GLY B 58 4.61 -3.30 13.85
N PHE B 59 3.70 -4.15 14.31
CA PHE B 59 2.49 -4.42 13.47
C PHE B 59 1.28 -4.48 14.34
N VAL B 60 0.12 -4.12 13.81
CA VAL B 60 -1.15 -4.32 14.50
C VAL B 60 -2.04 -5.06 13.48
N THR B 61 -2.84 -6.00 13.92
CA THR B 61 -3.71 -6.74 13.03
C THR B 61 -5.06 -6.65 13.64
N TYR B 62 -6.06 -6.29 12.83
CA TYR B 62 -7.46 -6.12 13.24
C TYR B 62 -8.23 -7.40 12.90
N ALA B 63 -9.43 -7.53 13.47
CA ALA B 63 -10.23 -8.71 13.20
C ALA B 63 -10.84 -8.65 11.81
N THR B 64 -10.90 -7.46 11.23
CA THR B 64 -11.47 -7.23 9.89
C THR B 64 -10.73 -6.14 9.12
N VAL B 65 -10.73 -6.27 7.78
CA VAL B 65 -10.15 -5.26 6.95
C VAL B 65 -10.85 -3.93 7.10
N GLU B 66 -12.15 -3.96 7.42
CA GLU B 66 -12.90 -2.69 7.58
C GLU B 66 -12.30 -1.86 8.73
N GLU B 67 -11.86 -2.53 9.80
CA GLU B 67 -11.22 -1.84 10.94
C GLU B 67 -9.86 -1.33 10.50
N VAL B 68 -9.15 -2.12 9.73
CA VAL B 68 -7.89 -1.60 9.21
C VAL B 68 -8.16 -0.29 8.46
N ASP B 69 -9.22 -0.30 7.62
CA ASP B 69 -9.55 0.87 6.80
C ASP B 69 -9.87 2.05 7.71
N ALA B 70 -10.60 1.76 8.79
CA ALA B 70 -10.99 2.78 9.76
C ALA B 70 -9.71 3.43 10.34
N ALA B 71 -8.77 2.59 10.74
CA ALA B 71 -7.49 3.09 11.33
C ALA B 71 -6.76 3.95 10.29
N MET B 72 -6.76 3.56 9.01
CA MET B 72 -6.01 4.34 8.06
C MET B 72 -6.76 5.62 7.78
N ASN B 73 -8.09 5.63 7.97
CA ASN B 73 -8.83 6.88 7.72
C ASN B 73 -8.59 7.88 8.89
N ALA B 74 -7.96 7.42 9.99
CA ALA B 74 -7.71 8.26 11.18
C ALA B 74 -6.32 8.85 11.25
N ARG B 75 -5.56 8.78 10.16
CA ARG B 75 -4.24 9.36 10.12
C ARG B 75 -4.37 10.89 10.18
N PRO B 76 -3.38 11.58 10.72
CA PRO B 76 -2.14 11.02 11.29
C PRO B 76 -2.34 10.41 12.68
N HIS B 77 -1.49 9.40 12.99
CA HIS B 77 -1.49 8.70 14.28
C HIS B 77 -0.31 9.09 15.14
N LYS B 78 -0.56 9.46 16.40
CA LYS B 78 0.54 9.81 17.30
C LYS B 78 0.49 8.74 18.42
N VAL B 79 1.59 8.03 18.60
CA VAL B 79 1.69 7.00 19.60
C VAL B 79 2.81 7.37 20.50
N ASP B 80 2.48 7.44 21.79
CA ASP B 80 3.48 7.81 22.78
C ASP B 80 4.24 9.08 22.41
N GLY B 81 3.47 10.07 22.02
CA GLY B 81 3.99 11.38 21.67
C GLY B 81 4.70 11.52 20.32
N ARG B 82 4.69 10.45 19.51
CA ARG B 82 5.39 10.56 18.20
C ARG B 82 4.44 10.22 17.06
N VAL B 83 4.49 11.01 16.00
CA VAL B 83 3.67 10.69 14.82
C VAL B 83 4.35 9.48 14.22
N VAL B 84 3.58 8.40 14.07
CA VAL B 84 4.07 7.18 13.46
C VAL B 84 3.62 7.05 11.95
N GLU B 85 4.08 6.01 11.27
CA GLU B 85 3.77 5.90 9.82
C GLU B 85 3.15 4.52 9.56
N PRO B 86 1.83 4.43 9.63
CA PRO B 86 1.15 3.16 9.41
C PRO B 86 1.07 2.90 7.88
N LYS B 87 1.23 1.64 7.51
CA LYS B 87 1.21 1.29 6.09
C LYS B 87 0.57 -0.07 5.96
N ARG B 88 -0.16 -0.33 4.83
CA ARG B 88 -0.58 -1.70 4.68
C ARG B 88 0.59 -2.65 4.75
N ALA B 89 0.40 -3.80 5.39
CA ALA B 89 1.51 -4.72 5.57
C ALA B 89 1.81 -5.45 4.28
N VAL B 90 3.04 -5.36 3.76
CA VAL B 90 3.38 -6.05 2.51
C VAL B 90 3.96 -7.43 2.92
N SER B 91 3.58 -8.51 2.20
CA SER B 91 4.01 -9.86 2.64
C SER B 91 5.49 -10.00 2.57
N ARG B 92 6.02 -10.97 3.32
CA ARG B 92 7.46 -11.17 3.34
C ARG B 92 8.00 -11.42 1.93
N GLU B 93 7.23 -12.13 1.12
CA GLU B 93 7.72 -12.49 -0.27
C GLU B 93 7.69 -11.23 -1.12
N ASP B 94 6.57 -10.52 -1.05
CA ASP B 94 6.48 -9.28 -1.86
C ASP B 94 7.50 -8.20 -1.41
N SER B 95 7.91 -8.25 -0.15
CA SER B 95 8.84 -7.29 0.46
C SER B 95 10.22 -7.36 -0.21
N GLN B 96 10.45 -8.40 -1.00
CA GLN B 96 11.74 -8.59 -1.67
C GLN B 96 11.75 -7.89 -2.99
N ARG B 97 10.62 -7.43 -3.47
CA ARG B 97 10.65 -6.81 -4.76
C ARG B 97 11.05 -5.35 -4.66
N PRO B 98 11.75 -4.86 -5.69
CA PRO B 98 12.19 -3.45 -5.75
C PRO B 98 11.00 -2.49 -5.53
N GLY B 99 11.14 -1.52 -4.66
CA GLY B 99 10.11 -0.53 -4.42
C GLY B 99 8.91 -1.00 -3.65
N ALA B 100 8.98 -2.18 -3.07
CA ALA B 100 7.76 -2.70 -2.43
C ALA B 100 7.32 -1.83 -1.28
N HIS B 101 8.28 -1.19 -0.60
CA HIS B 101 7.97 -0.35 0.57
C HIS B 101 8.00 1.15 0.32
N LEU B 102 8.05 1.53 -0.94
CA LEU B 102 8.03 2.97 -1.33
C LEU B 102 6.69 3.59 -1.00
N THR B 103 6.69 4.87 -0.61
CA THR B 103 5.42 5.60 -0.36
C THR B 103 5.26 6.34 -1.67
N VAL B 104 4.35 5.88 -2.52
CA VAL B 104 4.16 6.56 -3.80
C VAL B 104 2.66 6.66 -4.07
N LYS B 105 2.27 7.63 -4.85
CA LYS B 105 0.87 7.87 -5.20
C LYS B 105 0.46 7.42 -6.60
N LYS B 106 1.42 6.85 -7.29
CA LYS B 106 1.19 6.43 -8.65
C LYS B 106 1.38 4.98 -8.82
N ILE B 107 0.55 4.35 -9.67
CA ILE B 107 0.79 2.93 -9.99
C ILE B 107 1.03 2.74 -11.50
N PHE B 108 1.77 1.70 -11.82
CA PHE B 108 1.95 1.23 -13.25
C PHE B 108 0.81 0.17 -13.42
N VAL B 109 0.07 0.18 -14.59
CA VAL B 109 -0.98 -0.80 -14.79
C VAL B 109 -0.56 -1.41 -16.13
N GLY B 110 -0.16 -2.67 -16.10
CA GLY B 110 0.39 -3.20 -17.32
C GLY B 110 -0.51 -4.26 -17.93
N GLY B 111 -0.37 -4.44 -19.23
CA GLY B 111 -1.20 -5.42 -19.89
C GLY B 111 -2.62 -5.00 -20.14
N ILE B 112 -2.88 -3.74 -20.53
CA ILE B 112 -4.24 -3.36 -20.76
C ILE B 112 -4.46 -3.41 -22.30
N LYS B 113 -5.65 -3.84 -22.69
CA LYS B 113 -6.05 -4.00 -24.09
C LYS B 113 -5.97 -2.65 -24.82
N GLU B 114 -5.74 -2.77 -26.12
CA GLU B 114 -5.58 -1.64 -27.02
C GLU B 114 -6.77 -0.73 -26.96
N ASP B 115 -7.98 -1.25 -26.76
CA ASP B 115 -9.14 -0.33 -26.74
C ASP B 115 -9.45 0.20 -25.32
N THR B 116 -8.48 0.10 -24.41
CA THR B 116 -8.77 0.59 -23.07
C THR B 116 -8.95 2.10 -23.06
N GLU B 117 -9.93 2.58 -22.34
CA GLU B 117 -10.12 4.03 -22.27
C GLU B 117 -10.05 4.46 -20.81
N GLU B 118 -10.04 5.76 -20.54
CA GLU B 118 -9.94 6.19 -19.14
C GLU B 118 -11.05 5.76 -18.32
N HIS B 119 -12.24 5.75 -18.87
CA HIS B 119 -13.34 5.34 -18.04
C HIS B 119 -13.15 3.89 -17.55
N HIS B 120 -12.51 3.04 -18.35
CA HIS B 120 -12.29 1.64 -17.92
C HIS B 120 -11.39 1.63 -16.66
N LEU B 121 -10.37 2.47 -16.69
CA LEU B 121 -9.43 2.59 -15.53
C LEU B 121 -10.21 3.15 -14.35
N ARG B 122 -11.07 4.18 -14.54
CA ARG B 122 -11.81 4.72 -13.38
C ARG B 122 -12.76 3.77 -12.79
N ASP B 123 -13.51 3.06 -13.64
CA ASP B 123 -14.47 2.16 -13.09
C ASP B 123 -13.84 1.12 -12.20
N TYR B 124 -12.54 0.83 -12.38
CA TYR B 124 -11.96 -0.13 -11.47
C TYR B 124 -11.25 0.55 -10.28
N PHE B 125 -10.46 1.56 -10.60
CA PHE B 125 -9.66 2.20 -9.56
C PHE B 125 -10.30 3.26 -8.65
N GLU B 126 -11.42 3.92 -9.10
CA GLU B 126 -12.02 4.91 -8.21
C GLU B 126 -12.53 4.33 -6.88
N GLN B 127 -12.84 3.04 -6.83
CA GLN B 127 -13.28 2.45 -5.57
C GLN B 127 -12.16 2.41 -4.55
N TYR B 128 -10.92 2.61 -4.99
CA TYR B 128 -9.81 2.60 -4.03
C TYR B 128 -9.40 3.99 -3.55
N GLY B 129 -9.76 5.02 -4.27
CA GLY B 129 -9.42 6.33 -3.77
C GLY B 129 -9.61 7.42 -4.81
N LYS B 130 -9.29 8.64 -4.47
CA LYS B 130 -9.48 9.78 -5.40
C LYS B 130 -8.40 9.81 -6.45
N ILE B 131 -8.80 9.68 -7.70
CA ILE B 131 -7.83 9.71 -8.78
C ILE B 131 -7.50 11.12 -9.23
N GLU B 132 -6.22 11.41 -9.41
CA GLU B 132 -5.72 12.72 -9.81
C GLU B 132 -5.33 12.76 -11.26
N VAL B 133 -4.67 11.71 -11.74
CA VAL B 133 -4.22 11.70 -13.15
C VAL B 133 -4.31 10.32 -13.73
N ILE B 134 -4.69 10.17 -15.03
CA ILE B 134 -4.67 8.83 -15.65
C ILE B 134 -3.97 9.08 -16.99
N GLU B 135 -2.95 8.29 -17.31
CA GLU B 135 -2.19 8.46 -18.58
C GLU B 135 -2.10 7.08 -19.27
N ILE B 136 -2.80 6.86 -20.41
CA ILE B 136 -2.72 5.57 -21.13
C ILE B 136 -1.56 5.85 -22.06
N MET B 137 -0.49 5.04 -21.99
CA MET B 137 0.72 5.39 -22.71
C MET B 137 0.76 4.99 -24.18
N THR B 138 1.29 5.89 -24.99
CA THR B 138 1.43 5.59 -26.41
C THR B 138 2.89 5.90 -26.79
N ASP B 139 3.31 5.36 -27.93
CA ASP B 139 4.68 5.63 -28.36
C ASP B 139 4.68 7.06 -29.00
N ARG B 140 5.53 7.93 -28.51
CA ARG B 140 5.57 9.30 -29.03
C ARG B 140 5.97 9.11 -30.47
N GLY B 141 5.45 9.76 -31.46
CA GLY B 141 6.16 9.32 -32.69
C GLY B 141 5.44 8.25 -33.49
N SER B 142 5.22 7.00 -33.06
CA SER B 142 4.33 6.18 -33.93
C SER B 142 2.82 6.35 -33.57
N GLY B 143 2.58 6.78 -32.36
CA GLY B 143 1.21 6.98 -31.87
C GLY B 143 0.55 5.64 -31.43
N LYS B 144 1.28 4.55 -31.44
CA LYS B 144 0.61 3.30 -31.11
C LYS B 144 0.54 3.08 -29.64
N LYS B 145 -0.49 2.36 -29.22
CA LYS B 145 -0.72 2.04 -27.80
C LYS B 145 0.38 1.13 -27.30
N ARG B 146 0.85 1.33 -26.07
CA ARG B 146 1.88 0.48 -25.57
C ARG B 146 1.38 -0.60 -24.63
N GLY B 147 0.11 -0.56 -24.28
CA GLY B 147 -0.42 -1.62 -23.42
C GLY B 147 -0.17 -1.41 -21.94
N PHE B 148 0.01 -0.17 -21.52
CA PHE B 148 0.16 0.10 -20.04
C PHE B 148 -0.25 1.55 -19.76
N ALA B 149 -0.55 1.84 -18.51
CA ALA B 149 -1.01 3.17 -18.16
C ALA B 149 -0.44 3.48 -16.77
N PHE B 150 -0.53 4.77 -16.41
CA PHE B 150 -0.19 5.17 -15.03
C PHE B 150 -1.43 5.83 -14.45
N VAL B 151 -1.63 5.61 -13.13
CA VAL B 151 -2.79 6.23 -12.49
C VAL B 151 -2.21 6.84 -11.22
N THR B 152 -2.55 8.09 -10.98
CA THR B 152 -2.04 8.77 -9.79
C THR B 152 -3.19 9.06 -8.85
N PHE B 153 -2.98 8.86 -7.55
CA PHE B 153 -4.11 9.05 -6.59
C PHE B 153 -3.75 10.18 -5.66
N ASP B 154 -4.70 10.62 -4.85
CA ASP B 154 -4.37 11.69 -3.90
C ASP B 154 -3.79 11.17 -2.59
N ASP B 155 -3.84 9.89 -2.34
CA ASP B 155 -3.38 9.31 -1.08
C ASP B 155 -2.51 8.09 -1.35
N HIS B 156 -1.30 8.03 -0.80
CA HIS B 156 -0.46 6.82 -1.03
C HIS B 156 -1.10 5.54 -0.49
N ASP B 157 -2.06 5.63 0.41
CA ASP B 157 -2.67 4.41 0.92
C ASP B 157 -3.55 3.71 -0.17
N SER B 158 -4.16 4.51 -1.04
CA SER B 158 -4.92 3.96 -2.12
C SER B 158 -3.97 3.01 -2.91
N VAL B 159 -2.77 3.51 -3.27
CA VAL B 159 -1.81 2.63 -3.98
C VAL B 159 -1.43 1.37 -3.20
N ASP B 160 -1.15 1.55 -1.92
CA ASP B 160 -0.76 0.41 -1.13
C ASP B 160 -1.87 -0.59 -1.04
N LYS B 161 -3.10 -0.14 -0.83
CA LYS B 161 -4.23 -1.06 -0.74
C LYS B 161 -4.52 -1.79 -2.08
N ILE B 162 -4.18 -1.15 -3.19
CA ILE B 162 -4.41 -1.83 -4.46
C ILE B 162 -3.29 -2.87 -4.70
N VAL B 163 -2.01 -2.49 -4.49
CA VAL B 163 -0.95 -3.41 -4.87
C VAL B 163 -0.78 -4.65 -4.07
N ILE B 164 -1.34 -4.66 -2.86
CA ILE B 164 -1.36 -5.84 -2.01
C ILE B 164 -2.43 -6.84 -2.51
N GLN B 165 -3.32 -6.38 -3.43
CA GLN B 165 -4.29 -7.37 -3.95
C GLN B 165 -3.67 -8.02 -5.20
N LYS B 166 -4.04 -9.28 -5.48
CA LYS B 166 -3.39 -9.97 -6.58
C LYS B 166 -3.97 -9.64 -7.95
N TYR B 167 -5.29 -9.62 -8.01
CA TYR B 167 -5.91 -9.42 -9.34
C TYR B 167 -6.64 -8.09 -9.45
N HIS B 168 -6.71 -7.58 -10.67
CA HIS B 168 -7.34 -6.28 -10.94
C HIS B 168 -7.95 -6.40 -12.33
N THR B 169 -9.28 -6.14 -12.42
CA THR B 169 -9.94 -6.34 -13.73
C THR B 169 -10.24 -4.98 -14.37
N VAL B 170 -9.60 -4.73 -15.51
CA VAL B 170 -9.81 -3.43 -16.20
C VAL B 170 -10.25 -3.77 -17.65
N ASN B 171 -11.33 -3.16 -18.10
CA ASN B 171 -11.74 -3.34 -19.54
C ASN B 171 -11.86 -4.83 -19.82
N GLY B 172 -12.51 -5.47 -18.86
CA GLY B 172 -12.87 -6.88 -18.87
C GLY B 172 -11.83 -7.94 -18.58
N HIS B 173 -10.58 -7.56 -18.39
CA HIS B 173 -9.60 -8.59 -18.15
C HIS B 173 -8.61 -8.20 -17.03
N ASN B 174 -7.91 -9.23 -16.53
CA ASN B 174 -6.91 -8.96 -15.48
C ASN B 174 -5.77 -8.06 -16.00
N CYS B 175 -5.23 -7.20 -15.11
CA CYS B 175 -4.05 -6.46 -15.46
C CYS B 175 -3.12 -6.48 -14.23
N GLU B 176 -1.83 -6.28 -14.45
CA GLU B 176 -0.83 -6.32 -13.37
C GLU B 176 -0.67 -4.89 -12.85
N VAL B 177 -0.67 -4.67 -11.53
CA VAL B 177 -0.58 -3.28 -11.04
C VAL B 177 0.62 -3.26 -10.06
N ARG B 178 1.54 -2.33 -10.24
CA ARG B 178 2.68 -2.30 -9.32
C ARG B 178 2.86 -0.83 -8.95
N LYS B 179 3.61 -0.57 -7.89
CA LYS B 179 3.95 0.79 -7.61
C LYS B 179 4.84 1.30 -8.72
N ALA B 180 4.66 2.55 -9.06
CA ALA B 180 5.42 3.17 -10.08
C ALA B 180 6.81 3.47 -9.62
N LEU B 181 7.77 2.96 -10.37
CA LEU B 181 9.18 3.26 -10.10
C LEU B 181 9.66 4.21 -11.21
N SER B 182 10.52 5.16 -10.87
CA SER B 182 10.93 6.08 -11.92
C SER B 182 11.88 5.40 -12.85
N LYS B 183 12.18 6.11 -13.92
CA LYS B 183 13.12 5.62 -14.93
C LYS B 183 14.43 5.19 -14.22
N GLN B 184 14.95 6.03 -13.32
CA GLN B 184 16.17 5.62 -12.63
C GLN B 184 15.96 4.49 -11.70
N GLU B 185 14.81 4.49 -11.02
CA GLU B 185 14.60 3.39 -10.09
C GLU B 185 14.55 2.04 -10.83
N MET B 186 13.93 2.01 -12.00
CA MET B 186 13.81 0.78 -12.84
C MET B 186 15.29 0.32 -13.17
N ALA B 187 16.11 1.28 -13.57
CA ALA B 187 17.49 0.97 -13.93
C ALA B 187 18.21 0.41 -12.76
N SER B 188 18.08 1.07 -11.63
CA SER B 188 18.73 0.65 -10.42
C SER B 188 18.31 -0.78 -10.00
N ALA B 189 17.09 -1.17 -10.38
CA ALA B 189 16.55 -2.49 -10.05
C ALA B 189 16.87 -3.47 -11.19
N SER B 190 17.88 -3.10 -11.99
CA SER B 190 18.36 -3.89 -13.14
C SER B 190 19.85 -4.22 -12.89
#